data_6JMB
#
_entry.id   6JMB
#
_cell.length_a   66.625
_cell.length_b   71.707
_cell.length_c   72.155
_cell.angle_alpha   90.00
_cell.angle_beta   90.00
_cell.angle_gamma   90.00
#
_symmetry.space_group_name_H-M   'P 21 21 21'
#
loop_
_entity.id
_entity.type
_entity.pdbx_description
1 polymer ofchtiv-allosamidin
2 branched 2-acetamido-2-deoxy-beta-D-allopyranose-(1-4)-2-acetamido-2-deoxy-beta-D-allopyranose
3 non-polymer ALLOSAMIZOLINE
4 water water
#
_entity_poly.entity_id   1
_entity_poly.type   'polypeptide(L)'
_entity_poly.pdbx_seq_one_letter_code
;NDDKIVVCYYGTWATYRTGLGKFDVDDIDPFLCTHLVYAFIGINAEGTALALDPELDVERGNFKQFTSLKEKNPNLKTLV
AVGGWSEGSAQYSIMAAEPEYRQNFIQTSLAMILEYNFDGLDVDWEYPNRRDTVHGEDDIEQFSTLLKELREEFDNYGLL
LTVAVSAVEEAAVQSYDVPSVAKYVDYIGVMTYDMHGAWDSVTGHNAPLFISEGESAEQESTLYNVNNAVQYWLSAGCPP
EKLVMGVPFYGRTFQLSDPSVNAPNSPSNGAGLAGPYTAESGYVGYNEFCYILQQESSWTVQTDNLAKVPYAFLDYNWVS
FDNVESMTAKVEYANSFNLRGIMLWSIETDDFHGLCGEGTFPLLNTINTVLAEGSTEARHNNPPGHHHHHHHH
;
_entity_poly.pdbx_strand_id   A
#
# COMPACT_ATOMS: atom_id res chain seq x y z
N ASP A 3 6.98 -16.00 -12.12
CA ASP A 3 7.87 -14.99 -11.58
C ASP A 3 7.18 -13.68 -11.20
N LYS A 4 6.18 -13.26 -11.98
CA LYS A 4 5.38 -12.10 -11.59
C LYS A 4 4.64 -12.42 -10.30
N ILE A 5 4.56 -11.44 -9.40
CA ILE A 5 3.91 -11.65 -8.11
C ILE A 5 2.82 -10.61 -7.88
N VAL A 6 1.88 -10.98 -7.02
CA VAL A 6 0.78 -10.12 -6.61
C VAL A 6 0.79 -10.10 -5.10
N VAL A 7 1.15 -8.96 -4.52
CA VAL A 7 1.33 -8.83 -3.07
C VAL A 7 0.10 -8.13 -2.52
N CYS A 8 -0.74 -8.87 -1.80
CA CYS A 8 -2.01 -8.37 -1.28
C CYS A 8 -1.86 -8.04 0.20
N TYR A 9 -2.06 -6.77 0.55
CA TYR A 9 -2.14 -6.39 1.96
C TYR A 9 -3.58 -6.49 2.44
N TYR A 10 -3.74 -6.94 3.68
CA TYR A 10 -5.05 -7.02 4.32
C TYR A 10 -5.02 -6.15 5.58
N GLY A 11 -5.81 -5.07 5.56
CA GLY A 11 -6.02 -4.26 6.75
C GLY A 11 -6.97 -4.96 7.69
N THR A 12 -6.40 -5.66 8.68
CA THR A 12 -7.16 -6.67 9.43
C THR A 12 -8.26 -6.06 10.29
N TRP A 13 -8.22 -4.76 10.58
CA TRP A 13 -9.28 -4.10 11.32
C TRP A 13 -10.58 -4.02 10.53
N ALA A 14 -10.57 -4.39 9.26
CA ALA A 14 -11.81 -4.39 8.47
C ALA A 14 -12.82 -5.40 8.97
N THR A 15 -12.40 -6.33 9.83
CA THR A 15 -13.35 -7.27 10.41
C THR A 15 -14.38 -6.57 11.29
N TYR A 16 -14.09 -5.37 11.77
CA TYR A 16 -15.02 -4.63 12.62
C TYR A 16 -16.03 -3.80 11.84
N ARG A 17 -15.88 -3.68 10.53
CA ARG A 17 -16.91 -3.04 9.75
C ARG A 17 -18.17 -3.90 9.75
N THR A 18 -19.31 -3.27 9.52
CA THR A 18 -20.57 -3.97 9.61
C THR A 18 -21.16 -4.21 8.23
N GLY A 19 -22.09 -5.16 8.18
CA GLY A 19 -22.87 -5.39 6.98
C GLY A 19 -21.99 -5.71 5.79
N LEU A 20 -22.25 -5.03 4.68
CA LEU A 20 -21.54 -5.32 3.43
C LEU A 20 -20.10 -4.83 3.44
N GLY A 21 -19.69 -4.06 4.43
CA GLY A 21 -18.31 -3.62 4.51
C GLY A 21 -17.40 -4.55 5.30
N LYS A 22 -18.01 -5.45 6.09
CA LYS A 22 -17.23 -6.36 6.91
C LYS A 22 -16.40 -7.28 6.04
N PHE A 23 -15.10 -7.38 6.35
CA PHE A 23 -14.19 -8.20 5.55
C PHE A 23 -13.30 -8.96 6.52
N ASP A 24 -13.49 -10.26 6.59
CA ASP A 24 -12.78 -11.16 7.48
C ASP A 24 -11.76 -11.97 6.68
N VAL A 25 -10.95 -12.75 7.42
CA VAL A 25 -9.99 -13.63 6.74
C VAL A 25 -10.68 -14.51 5.72
N ASP A 26 -11.87 -15.03 6.04
CA ASP A 26 -12.51 -15.94 5.11
C ASP A 26 -13.15 -15.25 3.91
N ASP A 27 -13.05 -13.92 3.82
CA ASP A 27 -13.41 -13.20 2.61
C ASP A 27 -12.27 -13.14 1.60
N ILE A 28 -11.07 -13.53 1.99
CA ILE A 28 -9.92 -13.49 1.11
C ILE A 28 -9.98 -14.66 0.14
N ASP A 29 -9.74 -14.37 -1.14
CA ASP A 29 -9.53 -15.42 -2.13
C ASP A 29 -8.04 -15.67 -2.22
N PRO A 30 -7.52 -16.77 -1.68
CA PRO A 30 -6.06 -16.96 -1.64
C PRO A 30 -5.44 -17.30 -2.98
N PHE A 31 -6.23 -17.51 -4.02
CA PHE A 31 -5.68 -17.76 -5.35
C PHE A 31 -5.54 -16.50 -6.19
N LEU A 32 -5.97 -15.36 -5.69
CA LEU A 32 -5.81 -14.09 -6.40
C LEU A 32 -4.57 -13.33 -5.95
N CYS A 33 -3.80 -13.90 -5.04
CA CYS A 33 -2.55 -13.32 -4.57
C CYS A 33 -1.48 -14.40 -4.58
N THR A 34 -0.22 -13.98 -4.76
CA THR A 34 0.90 -14.87 -4.50
C THR A 34 1.49 -14.67 -3.11
N HIS A 35 1.34 -13.46 -2.58
CA HIS A 35 1.81 -13.10 -1.25
C HIS A 35 0.69 -12.34 -0.57
N LEU A 36 0.35 -12.74 0.64
CA LEU A 36 -0.71 -12.10 1.41
C LEU A 36 -0.10 -11.61 2.71
N VAL A 37 -0.34 -10.34 3.05
CA VAL A 37 0.36 -9.68 4.15
C VAL A 37 -0.63 -9.22 5.20
N TYR A 38 -0.42 -9.66 6.44
CA TYR A 38 -1.28 -9.32 7.58
C TYR A 38 -0.82 -7.98 8.16
N ALA A 39 -1.65 -6.95 8.02
CA ALA A 39 -1.33 -5.63 8.55
C ALA A 39 -2.22 -5.36 9.76
N PHE A 40 -1.64 -4.94 10.90
CA PHE A 40 -0.21 -4.75 11.18
C PHE A 40 0.09 -5.29 12.57
N ILE A 41 1.33 -5.69 12.79
CA ILE A 41 1.88 -5.80 14.14
C ILE A 41 2.71 -4.54 14.41
N GLY A 42 3.15 -4.39 15.66
CA GLY A 42 3.93 -3.24 16.04
C GLY A 42 5.12 -3.60 16.90
N ILE A 43 5.77 -2.59 17.48
CA ILE A 43 6.89 -2.79 18.37
C ILE A 43 6.80 -1.79 19.51
N ASN A 44 7.56 -2.04 20.57
CA ASN A 44 7.91 -0.99 21.50
C ASN A 44 9.31 -0.49 21.17
N ALA A 45 9.74 0.58 21.84
CA ALA A 45 11.03 1.17 21.52
C ALA A 45 12.19 0.23 21.84
N GLU A 46 11.99 -0.72 22.74
CA GLU A 46 13.00 -1.71 23.08
C GLU A 46 13.04 -2.87 22.09
N GLY A 47 12.24 -2.81 21.03
CA GLY A 47 12.28 -3.80 19.98
C GLY A 47 11.33 -4.97 20.13
N THR A 48 10.51 -5.03 21.17
CA THR A 48 9.63 -6.18 21.33
C THR A 48 8.50 -6.11 20.29
N ALA A 49 8.45 -7.12 19.42
CA ALA A 49 7.34 -7.23 18.48
C ALA A 49 6.07 -7.57 19.24
N LEU A 50 4.96 -6.98 18.82
CA LEU A 50 3.75 -7.19 19.61
C LEU A 50 2.51 -7.12 18.73
N ALA A 51 1.48 -7.82 19.18
CA ALA A 51 0.17 -7.76 18.53
C ALA A 51 -0.50 -6.44 18.87
N LEU A 52 -1.01 -5.74 17.86
CA LEU A 52 -1.69 -4.48 18.08
C LEU A 52 -3.17 -4.67 18.44
N ASP A 53 -3.73 -5.83 18.18
CA ASP A 53 -5.13 -6.13 18.53
C ASP A 53 -5.17 -7.57 19.02
N PRO A 54 -4.60 -7.84 20.20
CA PRO A 54 -4.46 -9.23 20.64
C PRO A 54 -5.78 -9.99 20.75
N GLU A 55 -6.88 -9.31 21.09
CA GLU A 55 -8.17 -10.00 21.14
C GLU A 55 -8.49 -10.65 19.80
N LEU A 56 -8.27 -9.93 18.70
CA LEU A 56 -8.47 -10.48 17.37
C LEU A 56 -7.33 -11.40 16.96
N ASP A 57 -6.09 -10.87 17.01
CA ASP A 57 -4.94 -11.54 16.42
C ASP A 57 -4.66 -12.86 17.12
N VAL A 58 -4.76 -12.87 18.44
CA VAL A 58 -4.32 -13.99 19.27
C VAL A 58 -5.50 -14.77 19.85
N GLU A 59 -6.33 -14.10 20.66
CA GLU A 59 -7.41 -14.80 21.36
C GLU A 59 -8.42 -15.41 20.38
N ARG A 60 -8.79 -14.66 19.34
CA ARG A 60 -9.72 -15.17 18.34
C ARG A 60 -9.02 -15.87 17.19
N GLY A 61 -7.70 -16.04 17.27
CA GLY A 61 -6.98 -16.88 16.32
C GLY A 61 -6.79 -16.29 14.95
N ASN A 62 -6.82 -14.97 14.81
CA ASN A 62 -6.83 -14.37 13.47
C ASN A 62 -5.50 -14.57 12.74
N PHE A 63 -4.37 -14.45 13.45
CA PHE A 63 -3.08 -14.74 12.81
C PHE A 63 -3.10 -16.11 12.16
N LYS A 64 -3.54 -17.12 12.92
CA LYS A 64 -3.50 -18.49 12.45
C LYS A 64 -4.55 -18.76 11.37
N GLN A 65 -5.73 -18.13 11.47
CA GLN A 65 -6.70 -18.27 10.39
C GLN A 65 -6.13 -17.73 9.09
N PHE A 66 -5.40 -16.61 9.17
CA PHE A 66 -4.80 -16.00 7.99
C PHE A 66 -3.75 -16.92 7.38
N THR A 67 -2.82 -17.42 8.18
CA THR A 67 -1.80 -18.29 7.61
C THR A 67 -2.38 -19.63 7.15
N SER A 68 -3.51 -20.04 7.72
CA SER A 68 -4.17 -21.26 7.28
C SER A 68 -4.76 -21.16 5.88
N LEU A 69 -4.77 -19.96 5.27
CA LEU A 69 -5.13 -19.87 3.86
C LEU A 69 -4.22 -20.73 3.00
N LYS A 70 -3.01 -21.06 3.48
CA LYS A 70 -2.14 -21.96 2.75
C LYS A 70 -2.70 -23.38 2.65
N GLU A 71 -3.69 -23.72 3.48
CA GLU A 71 -4.35 -25.01 3.33
C GLU A 71 -5.18 -25.06 2.05
N LYS A 72 -5.65 -23.92 1.57
CA LYS A 72 -6.39 -23.86 0.32
C LYS A 72 -5.46 -23.66 -0.88
N ASN A 73 -4.51 -22.73 -0.77
CA ASN A 73 -3.52 -22.50 -1.80
C ASN A 73 -2.14 -22.79 -1.21
N PRO A 74 -1.59 -24.00 -1.42
CA PRO A 74 -0.32 -24.35 -0.76
C PRO A 74 0.86 -23.54 -1.26
N ASN A 75 0.77 -22.89 -2.42
CA ASN A 75 1.85 -22.07 -2.93
C ASN A 75 1.84 -20.64 -2.39
N LEU A 76 0.80 -20.26 -1.68
CA LEU A 76 0.69 -18.91 -1.15
C LEU A 76 1.74 -18.65 -0.08
N LYS A 77 2.33 -17.47 -0.11
CA LYS A 77 3.21 -17.00 0.95
C LYS A 77 2.43 -16.00 1.79
N THR A 78 2.46 -16.18 3.12
CA THR A 78 1.73 -15.32 4.05
C THR A 78 2.73 -14.64 4.97
N LEU A 79 2.82 -13.32 4.88
CA LEU A 79 3.75 -12.51 5.66
C LEU A 79 2.98 -11.70 6.69
N VAL A 80 3.70 -11.25 7.71
CA VAL A 80 3.16 -10.31 8.69
C VAL A 80 3.90 -8.99 8.52
N ALA A 81 3.15 -7.88 8.51
CA ALA A 81 3.73 -6.56 8.33
C ALA A 81 3.82 -5.83 9.66
N VAL A 82 5.01 -5.29 9.96
CA VAL A 82 5.22 -4.49 11.16
C VAL A 82 5.29 -3.02 10.76
N GLY A 83 4.61 -2.18 11.53
CA GLY A 83 4.66 -0.76 11.30
C GLY A 83 3.35 -0.18 10.83
N GLY A 84 3.40 0.54 9.72
CA GLY A 84 2.23 1.23 9.22
C GLY A 84 2.19 2.68 9.67
N TRP A 85 1.35 3.46 8.98
CA TRP A 85 1.24 4.89 9.26
C TRP A 85 0.95 5.18 10.73
N SER A 86 -0.03 4.48 11.31
CA SER A 86 -0.43 4.80 12.69
C SER A 86 0.63 4.43 13.71
N GLU A 87 1.59 3.57 13.37
CA GLU A 87 2.63 3.17 14.29
C GLU A 87 3.73 4.22 14.44
N GLY A 88 3.80 5.19 13.54
CA GLY A 88 4.77 6.27 13.70
C GLY A 88 6.21 5.81 13.49
N SER A 89 7.12 6.70 13.85
CA SER A 89 8.53 6.50 13.56
C SER A 89 9.43 6.40 14.79
N ALA A 90 9.07 7.07 15.90
CA ALA A 90 9.96 7.18 17.05
C ALA A 90 10.44 5.83 17.57
N GLN A 91 9.52 4.88 17.75
CA GLN A 91 9.92 3.62 18.37
C GLN A 91 10.85 2.84 17.46
N TYR A 92 10.62 2.92 16.13
CA TYR A 92 11.49 2.25 15.17
C TYR A 92 12.85 2.90 15.12
N SER A 93 12.89 4.22 15.21
CA SER A 93 14.16 4.95 15.26
C SER A 93 14.98 4.54 16.49
N ILE A 94 14.33 4.47 17.65
CA ILE A 94 15.02 4.04 18.87
C ILE A 94 15.50 2.60 18.75
N MET A 95 14.61 1.71 18.30
CA MET A 95 14.96 0.30 18.21
C MET A 95 16.14 0.08 17.26
N ALA A 96 16.09 0.71 16.09
CA ALA A 96 17.08 0.42 15.06
C ALA A 96 18.47 0.90 15.44
N ALA A 97 18.57 1.88 16.33
CA ALA A 97 19.87 2.45 16.68
C ALA A 97 20.66 1.60 17.68
N GLU A 98 20.02 0.66 18.36
CA GLU A 98 20.66 -0.06 19.45
C GLU A 98 20.80 -1.53 19.08
N PRO A 99 22.02 -2.08 19.06
CA PRO A 99 22.17 -3.49 18.71
C PRO A 99 21.32 -4.42 19.57
N GLU A 100 21.18 -4.12 20.86
CA GLU A 100 20.40 -4.97 21.75
C GLU A 100 18.92 -4.94 21.38
N TYR A 101 18.41 -3.77 20.99
CA TYR A 101 17.01 -3.66 20.61
C TYR A 101 16.77 -4.30 19.25
N ARG A 102 17.70 -4.14 18.31
CA ARG A 102 17.58 -4.85 17.03
C ARG A 102 17.52 -6.35 17.24
N GLN A 103 18.41 -6.87 18.10
CA GLN A 103 18.41 -8.31 18.35
C GLN A 103 17.09 -8.75 18.98
N ASN A 104 16.57 -7.95 19.92
CA ASN A 104 15.28 -8.26 20.52
C ASN A 104 14.17 -8.26 19.47
N PHE A 105 14.22 -7.31 18.53
CA PHE A 105 13.21 -7.31 17.48
C PHE A 105 13.31 -8.53 16.59
N ILE A 106 14.53 -8.88 16.20
CA ILE A 106 14.72 -10.06 15.35
C ILE A 106 14.17 -11.30 16.03
N GLN A 107 14.48 -11.47 17.32
CA GLN A 107 14.04 -12.69 18.02
C GLN A 107 12.54 -12.70 18.29
N THR A 108 11.96 -11.56 18.70
CA THR A 108 10.54 -11.56 19.00
C THR A 108 9.68 -11.60 17.74
N SER A 109 10.10 -10.93 16.67
CA SER A 109 9.37 -11.05 15.41
C SER A 109 9.47 -12.46 14.85
N LEU A 110 10.66 -13.07 14.95
CA LEU A 110 10.80 -14.46 14.51
C LEU A 110 9.90 -15.39 15.30
N ALA A 111 9.78 -15.17 16.61
CA ALA A 111 8.91 -16.00 17.43
C ALA A 111 7.46 -15.92 16.95
N MET A 112 6.97 -14.72 16.67
CA MET A 112 5.60 -14.58 16.16
C MET A 112 5.46 -15.25 14.80
N ILE A 113 6.45 -15.07 13.92
CA ILE A 113 6.39 -15.66 12.59
C ILE A 113 6.29 -17.18 12.69
N LEU A 114 7.12 -17.80 13.51
CA LEU A 114 7.13 -19.26 13.59
C LEU A 114 5.91 -19.78 14.32
N GLU A 115 5.50 -19.14 15.42
CA GLU A 115 4.39 -19.68 16.19
C GLU A 115 3.06 -19.57 15.46
N TYR A 116 2.90 -18.57 14.61
CA TYR A 116 1.66 -18.37 13.88
C TYR A 116 1.74 -18.85 12.43
N ASN A 117 2.88 -19.43 12.03
CA ASN A 117 3.06 -20.04 10.71
C ASN A 117 3.09 -19.03 9.57
N PHE A 118 3.63 -17.84 9.81
CA PHE A 118 3.91 -16.91 8.73
C PHE A 118 5.16 -17.35 7.97
N ASP A 119 5.30 -16.85 6.75
CA ASP A 119 6.44 -17.18 5.90
C ASP A 119 7.48 -16.08 5.85
N GLY A 120 7.29 -15.00 6.59
CA GLY A 120 8.28 -13.94 6.60
C GLY A 120 7.69 -12.65 7.15
N LEU A 121 8.50 -11.60 7.06
CA LEU A 121 8.22 -10.31 7.65
C LEU A 121 8.30 -9.23 6.59
N ASP A 122 7.32 -8.33 6.61
CA ASP A 122 7.33 -7.11 5.82
C ASP A 122 7.54 -5.94 6.77
N VAL A 123 8.53 -5.09 6.49
CA VAL A 123 8.83 -3.96 7.35
C VAL A 123 8.27 -2.69 6.69
N ASP A 124 7.35 -2.03 7.40
CA ASP A 124 6.70 -0.82 6.94
C ASP A 124 6.90 0.30 7.97
N TRP A 125 8.15 0.67 8.22
CA TRP A 125 8.47 1.77 9.10
C TRP A 125 8.20 3.08 8.36
N GLU A 126 7.29 3.89 8.88
CA GLU A 126 6.89 5.14 8.22
C GLU A 126 7.26 6.33 9.09
N TYR A 127 8.47 6.87 8.94
CA TYR A 127 9.51 6.44 8.00
C TYR A 127 10.83 6.78 8.66
N PRO A 128 11.91 6.13 8.25
CA PRO A 128 13.24 6.55 8.71
C PRO A 128 13.46 8.03 8.46
N ASN A 129 13.95 8.73 9.49
CA ASN A 129 14.34 10.13 9.36
C ASN A 129 13.17 11.04 9.01
N ARG A 130 11.95 10.64 9.37
CA ARG A 130 10.78 11.48 9.14
C ARG A 130 9.83 11.37 10.32
N ARG A 131 8.83 12.26 10.31
CA ARG A 131 7.77 12.29 11.32
C ARG A 131 8.42 12.41 12.70
N ASP A 132 8.06 11.56 13.67
CA ASP A 132 8.61 11.67 15.02
C ASP A 132 9.90 10.88 15.22
N THR A 133 10.72 10.76 14.18
CA THR A 133 12.04 10.15 14.32
C THR A 133 12.80 10.75 15.49
N VAL A 134 13.55 9.90 16.19
CA VAL A 134 14.36 10.32 17.32
C VAL A 134 15.79 10.61 16.89
N HIS A 135 16.35 9.79 16.00
CA HIS A 135 17.75 9.89 15.64
C HIS A 135 17.98 10.51 14.27
N GLY A 136 16.93 10.95 13.59
CA GLY A 136 17.11 11.73 12.37
C GLY A 136 17.82 10.93 11.29
N GLU A 137 18.84 11.56 10.69
CA GLU A 137 19.49 10.98 9.53
C GLU A 137 20.17 9.66 9.83
N ASP A 138 20.50 9.39 11.10
CA ASP A 138 21.09 8.11 11.44
C ASP A 138 20.16 6.96 11.10
N ASP A 139 18.84 7.22 11.10
CA ASP A 139 17.86 6.18 10.76
C ASP A 139 18.15 5.56 9.40
N ILE A 140 18.69 6.34 8.45
CA ILE A 140 18.94 5.81 7.11
C ILE A 140 19.92 4.64 7.19
N GLU A 141 21.01 4.82 7.95
CA GLU A 141 21.96 3.74 8.15
C GLU A 141 21.35 2.61 8.95
N GLN A 142 20.67 2.95 10.06
CA GLN A 142 20.21 1.91 10.97
C GLN A 142 19.13 1.04 10.33
N PHE A 143 18.32 1.63 9.44
CA PHE A 143 17.34 0.83 8.69
C PHE A 143 18.04 -0.26 7.88
N SER A 144 19.11 0.11 7.17
CA SER A 144 19.83 -0.89 6.39
C SER A 144 20.52 -1.93 7.27
N THR A 145 21.07 -1.49 8.42
CA THR A 145 21.67 -2.46 9.34
C THR A 145 20.62 -3.43 9.85
N LEU A 146 19.43 -2.93 10.19
CA LEU A 146 18.36 -3.78 10.66
C LEU A 146 18.00 -4.84 9.61
N LEU A 147 17.87 -4.41 8.36
CA LEU A 147 17.53 -5.37 7.30
C LEU A 147 18.62 -6.41 7.12
N LYS A 148 19.89 -5.99 7.17
CA LYS A 148 21.01 -6.94 7.06
C LYS A 148 20.92 -8.00 8.16
N GLU A 149 20.66 -7.57 9.40
CA GLU A 149 20.64 -8.50 10.52
C GLU A 149 19.40 -9.39 10.49
N LEU A 150 18.26 -8.86 10.06
CA LEU A 150 17.10 -9.71 9.85
C LEU A 150 17.36 -10.79 8.80
N ARG A 151 17.97 -10.39 7.68
CA ARG A 151 18.27 -11.37 6.64
C ARG A 151 19.19 -12.47 7.16
N GLU A 152 20.23 -12.10 7.90
CA GLU A 152 21.17 -13.09 8.40
C GLU A 152 20.46 -14.13 9.27
N GLU A 153 19.53 -13.69 10.12
CA GLU A 153 18.83 -14.65 10.96
C GLU A 153 17.77 -15.41 10.17
N PHE A 154 17.02 -14.72 9.33
CA PHE A 154 15.92 -15.36 8.62
C PHE A 154 16.41 -16.45 7.66
N ASP A 155 17.64 -16.32 7.16
CA ASP A 155 18.17 -17.32 6.24
C ASP A 155 18.34 -18.68 6.90
N ASN A 156 18.46 -18.72 8.23
CA ASN A 156 18.49 -20.01 8.92
C ASN A 156 17.16 -20.76 8.85
N TYR A 157 16.08 -20.06 8.50
CA TYR A 157 14.76 -20.65 8.48
C TYR A 157 14.08 -20.58 7.12
N GLY A 158 14.73 -20.03 6.10
CA GLY A 158 14.10 -19.89 4.80
C GLY A 158 12.98 -18.88 4.73
N LEU A 159 13.00 -17.89 5.61
CA LEU A 159 11.91 -16.91 5.69
C LEU A 159 12.14 -15.74 4.75
N LEU A 160 11.04 -15.13 4.32
CA LEU A 160 11.09 -13.96 3.45
C LEU A 160 11.25 -12.69 4.28
N LEU A 161 11.90 -11.70 3.68
CA LEU A 161 12.03 -10.37 4.27
C LEU A 161 11.72 -9.36 3.17
N THR A 162 10.70 -8.55 3.38
CA THR A 162 10.30 -7.53 2.40
C THR A 162 10.16 -6.19 3.11
N VAL A 163 10.07 -5.12 2.32
CA VAL A 163 9.80 -3.79 2.85
C VAL A 163 8.72 -3.12 2.01
N ALA A 164 8.06 -2.15 2.63
CA ALA A 164 7.22 -1.19 1.94
C ALA A 164 7.86 0.17 2.13
N VAL A 165 7.99 0.94 1.04
CA VAL A 165 8.75 2.18 1.05
C VAL A 165 7.98 3.32 0.42
N SER A 166 8.30 4.54 0.84
CA SER A 166 7.77 5.72 0.17
C SER A 166 8.27 5.80 -1.27
N ALA A 167 7.48 6.47 -2.11
CA ALA A 167 7.61 6.29 -3.56
C ALA A 167 8.49 7.34 -4.24
N VAL A 168 8.12 8.61 -4.14
CA VAL A 168 8.75 9.62 -4.97
C VAL A 168 10.14 9.95 -4.44
N GLU A 169 11.00 10.43 -5.35
CA GLU A 169 12.38 10.75 -5.00
C GLU A 169 12.49 11.64 -3.77
N GLU A 170 11.71 12.72 -3.70
CA GLU A 170 11.92 13.65 -2.59
C GLU A 170 11.61 13.03 -1.25
N ALA A 171 10.72 12.03 -1.24
CA ALA A 171 10.49 11.27 -0.01
C ALA A 171 11.56 10.21 0.21
N ALA A 172 11.91 9.46 -0.84
CA ALA A 172 12.81 8.33 -0.70
C ALA A 172 14.20 8.76 -0.23
N VAL A 173 14.70 9.89 -0.73
CA VAL A 173 16.05 10.32 -0.37
C VAL A 173 16.15 10.71 1.11
N GLN A 174 15.02 11.01 1.75
CA GLN A 174 15.05 11.30 3.18
C GLN A 174 15.23 10.06 4.03
N SER A 175 14.92 8.87 3.51
CA SER A 175 14.78 7.70 4.35
C SER A 175 15.70 6.54 4.02
N TYR A 176 16.16 6.40 2.76
CA TYR A 176 16.71 5.12 2.32
C TYR A 176 18.01 5.29 1.55
N ASP A 177 18.90 4.34 1.78
CA ASP A 177 19.98 4.06 0.83
C ASP A 177 19.49 2.89 -0.02
N VAL A 178 19.13 3.17 -1.28
CA VAL A 178 18.41 2.18 -2.09
C VAL A 178 19.20 0.90 -2.30
N PRO A 179 20.48 0.93 -2.69
CA PRO A 179 21.19 -0.35 -2.92
C PRO A 179 21.27 -1.22 -1.67
N SER A 180 21.48 -0.64 -0.49
CA SER A 180 21.59 -1.48 0.70
C SER A 180 20.23 -1.98 1.17
N VAL A 181 19.16 -1.27 0.88
CA VAL A 181 17.82 -1.79 1.16
C VAL A 181 17.49 -2.95 0.23
N ALA A 182 17.74 -2.78 -1.07
CA ALA A 182 17.43 -3.83 -2.04
C ALA A 182 18.23 -5.09 -1.78
N LYS A 183 19.48 -4.95 -1.31
CA LYS A 183 20.40 -6.07 -1.20
C LYS A 183 19.85 -7.18 -0.31
N TYR A 184 19.17 -6.81 0.77
CA TYR A 184 18.80 -7.76 1.82
C TYR A 184 17.37 -8.26 1.72
N VAL A 185 16.56 -7.69 0.86
CA VAL A 185 15.14 -8.01 0.82
C VAL A 185 14.84 -8.89 -0.39
N ASP A 186 13.76 -9.67 -0.27
CA ASP A 186 13.26 -10.43 -1.41
C ASP A 186 12.66 -9.50 -2.45
N TYR A 187 11.97 -8.45 -2.01
CA TYR A 187 11.50 -7.42 -2.92
C TYR A 187 11.15 -6.18 -2.12
N ILE A 188 11.02 -5.07 -2.85
CA ILE A 188 10.64 -3.77 -2.32
C ILE A 188 9.24 -3.44 -2.85
N GLY A 189 8.30 -3.25 -1.94
CA GLY A 189 6.97 -2.78 -2.32
C GLY A 189 6.94 -1.27 -2.32
N VAL A 190 6.98 -0.64 -3.49
CA VAL A 190 7.00 0.82 -3.56
C VAL A 190 5.56 1.32 -3.47
N MET A 191 5.31 2.21 -2.51
CA MET A 191 3.95 2.67 -2.23
C MET A 191 3.58 3.82 -3.17
N THR A 192 3.34 3.45 -4.44
CA THR A 192 3.04 4.41 -5.51
C THR A 192 1.57 4.84 -5.48
N TYR A 193 1.22 5.50 -4.39
CA TYR A 193 -0.10 6.07 -4.17
C TYR A 193 0.06 7.08 -3.03
N ASP A 194 -1.06 7.67 -2.59
CA ASP A 194 -1.00 8.82 -1.68
C ASP A 194 -0.16 9.95 -2.26
N MET A 195 -0.11 10.03 -3.58
CA MET A 195 0.67 11.07 -4.24
C MET A 195 0.10 12.44 -3.93
N HIS A 196 -1.23 12.53 -3.85
CA HIS A 196 -1.96 13.71 -3.46
C HIS A 196 -3.15 13.27 -2.62
N GLY A 197 -3.64 14.20 -1.82
CA GLY A 197 -4.74 13.89 -0.92
C GLY A 197 -5.24 15.17 -0.30
N ALA A 198 -6.19 15.00 0.62
CA ALA A 198 -6.91 16.14 1.20
C ALA A 198 -6.02 17.07 2.02
N TRP A 199 -4.78 16.67 2.31
CA TRP A 199 -3.80 17.56 2.94
C TRP A 199 -3.28 18.62 1.98
N ASP A 200 -3.48 18.46 0.68
CA ASP A 200 -3.00 19.42 -0.31
C ASP A 200 -3.94 20.62 -0.40
N SER A 201 -3.43 21.68 -1.03
CA SER A 201 -4.23 22.89 -1.19
C SER A 201 -5.15 22.83 -2.41
N VAL A 202 -4.95 21.85 -3.28
CA VAL A 202 -5.73 21.67 -4.49
C VAL A 202 -6.05 20.19 -4.64
N THR A 203 -7.08 19.89 -5.43
CA THR A 203 -7.37 18.50 -5.76
C THR A 203 -6.21 17.90 -6.55
N GLY A 204 -6.06 16.59 -6.43
CA GLY A 204 -5.01 15.89 -7.14
C GLY A 204 -5.28 14.41 -7.06
N HIS A 205 -4.56 13.67 -7.90
CA HIS A 205 -4.81 12.24 -8.01
C HIS A 205 -4.03 11.46 -6.96
N ASN A 206 -4.69 10.42 -6.45
CA ASN A 206 -4.06 9.54 -5.48
C ASN A 206 -2.89 8.78 -6.11
N ALA A 207 -3.04 8.37 -7.36
CA ALA A 207 -2.00 7.60 -8.03
C ALA A 207 -1.95 7.92 -9.52
N PRO A 208 -1.66 9.16 -9.90
CA PRO A 208 -1.53 9.46 -11.33
C PRO A 208 -0.31 8.74 -11.90
N LEU A 209 -0.46 8.20 -13.11
CA LEU A 209 0.66 7.51 -13.75
C LEU A 209 1.70 8.51 -14.26
N PHE A 210 1.25 9.58 -14.89
CA PHE A 210 2.12 10.57 -15.50
C PHE A 210 1.68 11.95 -15.00
N ILE A 211 2.11 13.00 -15.70
CA ILE A 211 1.67 14.37 -15.43
C ILE A 211 0.15 14.43 -15.39
N SER A 212 -0.39 15.30 -14.55
CA SER A 212 -1.84 15.48 -14.37
C SER A 212 -2.30 16.80 -14.97
N GLU A 213 -3.59 16.86 -15.27
CA GLU A 213 -4.20 18.12 -15.68
C GLU A 213 -3.92 19.19 -14.65
N GLY A 214 -3.53 20.38 -15.12
CA GLY A 214 -3.28 21.50 -14.25
C GLY A 214 -1.86 21.61 -13.73
N GLU A 215 -0.98 20.68 -14.08
CA GLU A 215 0.40 20.72 -13.66
C GLU A 215 1.29 21.30 -14.76
N SER A 216 2.39 21.92 -14.35
CA SER A 216 3.36 22.43 -15.30
C SER A 216 4.30 21.32 -15.74
N ALA A 217 4.67 21.34 -17.02
CA ALA A 217 5.63 20.37 -17.56
C ALA A 217 7.07 20.79 -17.33
N GLU A 218 7.31 22.01 -16.85
CA GLU A 218 8.63 22.37 -16.39
C GLU A 218 8.96 21.55 -15.14
N GLN A 219 10.20 21.13 -15.02
CA GLN A 219 10.65 20.19 -13.98
C GLN A 219 9.65 19.07 -13.76
N GLU A 220 9.27 18.43 -14.87
CA GLU A 220 8.31 17.34 -14.84
C GLU A 220 8.78 16.19 -13.96
N SER A 221 10.09 15.98 -13.86
CA SER A 221 10.62 14.89 -13.06
C SER A 221 10.38 15.07 -11.57
N THR A 222 10.02 16.26 -11.11
CA THR A 222 9.79 16.53 -9.70
C THR A 222 8.34 16.27 -9.28
N LEU A 223 7.44 16.01 -10.23
CA LEU A 223 6.04 15.82 -9.89
C LEU A 223 5.83 14.49 -9.20
N TYR A 224 4.79 14.42 -8.37
CA TYR A 224 4.47 13.20 -7.63
C TYR A 224 3.59 12.32 -8.48
N ASN A 225 4.19 11.38 -9.20
CA ASN A 225 3.42 10.43 -9.99
C ASN A 225 4.13 9.07 -10.02
N VAL A 226 3.39 8.06 -10.47
CA VAL A 226 3.88 6.68 -10.41
C VAL A 226 5.11 6.51 -11.28
N ASN A 227 5.08 7.05 -12.50
CA ASN A 227 6.22 6.90 -13.40
C ASN A 227 7.49 7.51 -12.80
N ASN A 228 7.38 8.71 -12.23
CA ASN A 228 8.58 9.33 -11.64
C ASN A 228 9.12 8.48 -10.50
N ALA A 229 8.23 7.92 -9.68
CA ALA A 229 8.67 7.12 -8.54
C ALA A 229 9.33 5.82 -8.99
N VAL A 230 8.71 5.11 -9.93
CA VAL A 230 9.27 3.86 -10.41
C VAL A 230 10.63 4.10 -11.05
N GLN A 231 10.71 5.13 -11.90
CA GLN A 231 11.98 5.41 -12.56
C GLN A 231 13.04 5.85 -11.56
N TYR A 232 12.65 6.56 -10.49
CA TYR A 232 13.63 6.87 -9.45
C TYR A 232 14.20 5.60 -8.82
N TRP A 233 13.33 4.69 -8.40
CA TRP A 233 13.80 3.49 -7.71
C TRP A 233 14.66 2.63 -8.62
N LEU A 234 14.29 2.50 -9.89
CA LEU A 234 15.14 1.79 -10.84
C LEU A 234 16.49 2.47 -11.00
N SER A 235 16.48 3.79 -11.14
CA SER A 235 17.72 4.52 -11.38
C SER A 235 18.63 4.54 -10.16
N ALA A 236 18.07 4.38 -8.97
CA ALA A 236 18.83 4.43 -7.73
C ALA A 236 19.36 3.07 -7.29
N GLY A 237 19.07 2.01 -8.04
CA GLY A 237 19.70 0.74 -7.77
C GLY A 237 18.79 -0.41 -7.39
N CYS A 238 17.48 -0.21 -7.42
CA CYS A 238 16.57 -1.33 -7.20
C CYS A 238 16.42 -2.10 -8.50
N PRO A 239 16.86 -3.35 -8.58
CA PRO A 239 16.68 -4.11 -9.83
C PRO A 239 15.20 -4.31 -10.10
N PRO A 240 14.82 -4.39 -11.38
CA PRO A 240 13.39 -4.58 -11.70
C PRO A 240 12.81 -5.81 -11.07
N GLU A 241 13.60 -6.87 -10.92
CA GLU A 241 13.11 -8.11 -10.33
C GLU A 241 12.87 -8.00 -8.83
N LYS A 242 13.20 -6.86 -8.22
CA LYS A 242 12.87 -6.61 -6.83
C LYS A 242 11.92 -5.43 -6.63
N LEU A 243 11.45 -4.81 -7.70
CA LEU A 243 10.58 -3.65 -7.61
C LEU A 243 9.16 -4.11 -7.85
N VAL A 244 8.33 -4.04 -6.80
CA VAL A 244 6.93 -4.39 -6.87
C VAL A 244 6.13 -3.10 -6.75
N MET A 245 5.31 -2.82 -7.76
CA MET A 245 4.70 -1.50 -7.89
C MET A 245 3.37 -1.47 -7.16
N GLY A 246 3.23 -0.55 -6.22
CA GLY A 246 1.99 -0.44 -5.47
C GLY A 246 0.87 0.19 -6.27
N VAL A 247 -0.35 -0.29 -6.01
CA VAL A 247 -1.58 0.32 -6.54
C VAL A 247 -2.61 0.41 -5.41
N PRO A 248 -3.48 1.41 -5.49
CA PRO A 248 -4.48 1.60 -4.42
C PRO A 248 -5.84 1.02 -4.77
N PHE A 249 -6.49 0.40 -3.79
CA PHE A 249 -7.89 -0.03 -3.91
C PHE A 249 -8.82 0.94 -3.20
N TYR A 250 -8.38 2.17 -2.99
CA TYR A 250 -9.15 3.20 -2.35
C TYR A 250 -8.90 4.50 -3.11
N GLY A 251 -9.77 5.48 -2.89
CA GLY A 251 -9.61 6.80 -3.44
C GLY A 251 -9.52 7.82 -2.31
N ARG A 252 -9.26 9.07 -2.70
CA ARG A 252 -9.17 10.17 -1.75
C ARG A 252 -10.14 11.27 -2.13
N THR A 253 -10.69 11.95 -1.13
CA THR A 253 -11.85 12.80 -1.31
C THR A 253 -11.57 14.21 -0.78
N PHE A 254 -12.16 15.19 -1.46
CA PHE A 254 -11.88 16.60 -1.25
C PHE A 254 -13.19 17.37 -1.23
N GLN A 255 -13.17 18.53 -0.56
CA GLN A 255 -14.23 19.54 -0.63
C GLN A 255 -13.69 20.68 -1.49
N LEU A 256 -14.28 20.88 -2.66
CA LEU A 256 -13.84 21.94 -3.54
C LEU A 256 -14.04 23.31 -2.90
N SER A 257 -13.13 24.24 -3.21
CA SER A 257 -13.33 25.62 -2.80
C SER A 257 -14.48 26.25 -3.58
N ASP A 258 -14.59 25.95 -4.87
CA ASP A 258 -15.65 26.45 -5.75
C ASP A 258 -16.09 25.27 -6.61
N PRO A 259 -17.33 24.80 -6.46
CA PRO A 259 -17.77 23.62 -7.24
C PRO A 259 -17.71 23.81 -8.74
N SER A 260 -17.72 25.04 -9.25
CA SER A 260 -17.62 25.23 -10.70
C SER A 260 -16.20 25.06 -11.22
N VAL A 261 -15.21 24.95 -10.34
CA VAL A 261 -13.82 24.75 -10.73
C VAL A 261 -13.44 23.37 -10.20
N ASN A 262 -13.54 22.36 -11.06
CA ASN A 262 -13.59 20.97 -10.62
C ASN A 262 -12.61 20.08 -11.39
N ALA A 263 -11.63 20.66 -12.08
CA ALA A 263 -10.58 19.89 -12.69
C ALA A 263 -9.63 19.40 -11.60
N PRO A 264 -8.76 18.44 -11.92
CA PRO A 264 -7.60 18.20 -11.05
C PRO A 264 -6.84 19.51 -10.88
N ASN A 265 -6.20 19.65 -9.72
CA ASN A 265 -5.44 20.85 -9.37
C ASN A 265 -6.31 22.10 -9.23
N SER A 266 -7.55 21.91 -8.77
CA SER A 266 -8.43 23.00 -8.41
C SER A 266 -8.39 23.21 -6.90
N PRO A 267 -8.47 24.47 -6.46
CA PRO A 267 -8.46 24.76 -5.03
C PRO A 267 -9.44 23.91 -4.24
N SER A 268 -8.97 23.41 -3.10
CA SER A 268 -9.74 22.59 -2.18
C SER A 268 -9.76 23.25 -0.81
N ASN A 269 -10.82 22.96 -0.05
CA ASN A 269 -10.97 23.48 1.31
C ASN A 269 -10.66 22.44 2.38
N GLY A 270 -10.40 21.20 1.99
CA GLY A 270 -10.08 20.16 2.93
C GLY A 270 -10.67 18.83 2.50
N ALA A 271 -10.77 17.91 3.46
CA ALA A 271 -11.21 16.55 3.18
C ALA A 271 -12.68 16.54 2.81
N GLY A 272 -13.04 15.58 1.98
CA GLY A 272 -14.39 15.41 1.46
C GLY A 272 -15.14 14.28 2.13
N LEU A 273 -15.94 13.57 1.34
CA LEU A 273 -16.84 12.58 1.91
C LEU A 273 -16.07 11.39 2.47
N ALA A 274 -16.78 10.62 3.29
CA ALA A 274 -16.32 9.37 3.85
C ALA A 274 -17.18 8.25 3.32
N GLY A 275 -16.61 7.06 3.26
CA GLY A 275 -17.39 5.88 2.94
C GLY A 275 -18.23 5.46 4.12
N PRO A 276 -19.34 4.76 3.87
CA PRO A 276 -20.22 4.36 4.98
C PRO A 276 -19.58 3.37 5.94
N TYR A 277 -18.59 2.59 5.48
CA TYR A 277 -17.94 1.57 6.30
C TYR A 277 -16.56 1.97 6.78
N THR A 278 -15.75 2.59 5.90
CA THR A 278 -14.43 3.07 6.31
C THR A 278 -14.54 4.29 7.22
N ALA A 279 -15.55 5.13 7.00
CA ALA A 279 -15.98 6.15 7.96
C ALA A 279 -14.87 7.14 8.34
N GLU A 280 -14.12 7.62 7.35
CA GLU A 280 -13.08 8.62 7.59
C GLU A 280 -13.12 9.63 6.46
N SER A 281 -13.47 10.88 6.77
CA SER A 281 -13.46 11.92 5.75
C SER A 281 -12.09 12.01 5.10
N GLY A 282 -12.06 12.06 3.77
CA GLY A 282 -10.83 12.17 3.03
C GLY A 282 -10.42 10.92 2.27
N TYR A 283 -11.03 9.77 2.55
CA TYR A 283 -10.74 8.60 1.72
C TYR A 283 -11.99 7.74 1.64
N VAL A 284 -12.00 6.87 0.63
CA VAL A 284 -13.15 6.00 0.38
C VAL A 284 -12.64 4.73 -0.31
N GLY A 285 -13.15 3.59 0.10
CA GLY A 285 -12.77 2.35 -0.56
C GLY A 285 -13.39 2.27 -1.95
N TYR A 286 -12.71 1.54 -2.85
CA TYR A 286 -13.30 1.32 -4.17
C TYR A 286 -14.67 0.67 -4.05
N ASN A 287 -14.83 -0.31 -3.16
CA ASN A 287 -16.13 -0.95 -2.97
C ASN A 287 -17.19 0.09 -2.64
N GLU A 288 -16.84 1.04 -1.78
CA GLU A 288 -17.81 2.06 -1.37
C GLU A 288 -18.07 3.04 -2.50
N PHE A 289 -17.03 3.45 -3.22
CA PHE A 289 -17.24 4.52 -4.20
C PHE A 289 -17.85 4.00 -5.49
N CYS A 290 -17.49 2.80 -5.94
CA CYS A 290 -18.15 2.26 -7.12
C CYS A 290 -19.65 2.12 -6.86
N TYR A 291 -20.03 1.74 -5.64
CA TYR A 291 -21.44 1.63 -5.32
C TYR A 291 -22.12 3.00 -5.33
N ILE A 292 -21.46 3.99 -4.71
CA ILE A 292 -21.99 5.36 -4.72
C ILE A 292 -22.23 5.84 -6.15
N LEU A 293 -21.26 5.62 -7.04
CA LEU A 293 -21.40 6.06 -8.42
C LEU A 293 -22.54 5.32 -9.12
N GLN A 294 -22.67 4.02 -8.85
CA GLN A 294 -23.74 3.23 -9.45
C GLN A 294 -25.11 3.70 -8.99
N GLN A 295 -25.24 4.15 -7.75
CA GLN A 295 -26.53 4.49 -7.17
C GLN A 295 -26.95 5.94 -7.35
N GLU A 296 -26.01 6.84 -7.63
N GLU A 296 -26.00 6.84 -7.64
CA GLU A 296 -26.29 8.28 -7.72
CA GLU A 296 -26.23 8.28 -7.70
C GLU A 296 -25.83 8.77 -9.09
C GLU A 296 -25.81 8.78 -9.08
N SER A 297 -26.79 8.95 -10.00
CA SER A 297 -26.46 9.33 -11.38
C SER A 297 -25.94 10.76 -11.53
N SER A 298 -26.07 11.61 -10.50
CA SER A 298 -25.69 13.00 -10.64
C SER A 298 -24.18 13.22 -10.65
N TRP A 299 -23.40 12.24 -10.18
CA TRP A 299 -21.95 12.37 -10.24
C TRP A 299 -21.49 12.49 -11.69
N THR A 300 -20.46 13.30 -11.91
CA THR A 300 -19.78 13.36 -13.19
C THR A 300 -18.46 12.65 -13.03
N VAL A 301 -18.22 11.62 -13.87
CA VAL A 301 -16.97 10.89 -13.88
C VAL A 301 -16.21 11.29 -15.14
N GLN A 302 -14.95 11.69 -14.97
CA GLN A 302 -14.11 12.06 -16.09
C GLN A 302 -12.79 11.32 -16.01
N THR A 303 -12.15 11.17 -17.15
CA THR A 303 -10.82 10.59 -17.22
C THR A 303 -9.82 11.71 -17.42
N ASP A 304 -8.80 11.76 -16.56
CA ASP A 304 -7.65 12.60 -16.84
C ASP A 304 -6.78 11.82 -17.81
N ASN A 305 -6.77 12.25 -19.08
CA ASN A 305 -6.07 11.51 -20.12
C ASN A 305 -4.59 11.85 -20.18
N LEU A 306 -4.10 12.72 -19.30
CA LEU A 306 -2.67 12.87 -19.10
C LEU A 306 -2.18 11.88 -18.05
N ALA A 307 -2.89 11.80 -16.92
CA ALA A 307 -2.50 10.98 -15.79
C ALA A 307 -3.00 9.54 -15.88
N LYS A 308 -3.97 9.28 -16.75
CA LYS A 308 -4.52 7.94 -16.99
C LYS A 308 -5.32 7.42 -15.79
N VAL A 309 -6.05 8.31 -15.12
CA VAL A 309 -6.86 7.93 -13.96
C VAL A 309 -8.18 8.68 -13.99
N PRO A 310 -9.21 8.10 -13.39
CA PRO A 310 -10.51 8.78 -13.32
C PRO A 310 -10.63 9.65 -12.08
N TYR A 311 -11.56 10.58 -12.16
CA TYR A 311 -11.96 11.36 -10.99
C TYR A 311 -13.44 11.67 -11.15
N ALA A 312 -14.08 12.06 -10.05
CA ALA A 312 -15.51 12.28 -10.06
C ALA A 312 -15.84 13.50 -9.21
N PHE A 313 -16.89 14.20 -9.60
CA PHE A 313 -17.31 15.34 -8.79
C PHE A 313 -18.83 15.45 -8.76
N LEU A 314 -19.32 16.05 -7.68
CA LEU A 314 -20.75 16.31 -7.50
C LEU A 314 -20.83 17.46 -6.53
N ASP A 315 -21.18 18.64 -7.04
CA ASP A 315 -21.20 19.85 -6.22
C ASP A 315 -19.86 20.03 -5.51
N TYR A 316 -19.84 20.07 -4.18
CA TYR A 316 -18.59 20.30 -3.48
C TYR A 316 -17.66 19.08 -3.48
N ASN A 317 -18.17 17.89 -3.79
CA ASN A 317 -17.36 16.68 -3.70
C ASN A 317 -16.45 16.54 -4.92
N TRP A 318 -15.19 16.21 -4.68
CA TRP A 318 -14.27 15.83 -5.73
C TRP A 318 -13.48 14.63 -5.24
N VAL A 319 -13.47 13.56 -6.02
CA VAL A 319 -12.92 12.27 -5.59
C VAL A 319 -11.95 11.76 -6.64
N SER A 320 -10.74 11.44 -6.22
CA SER A 320 -9.79 10.70 -7.05
C SER A 320 -9.91 9.23 -6.70
N PHE A 321 -9.96 8.37 -7.70
CA PHE A 321 -10.05 6.93 -7.45
C PHE A 321 -9.38 6.17 -8.59
N ASP A 322 -9.35 4.85 -8.47
CA ASP A 322 -8.86 3.98 -9.51
C ASP A 322 -9.89 2.91 -9.81
N ASN A 323 -10.08 2.60 -11.08
CA ASN A 323 -11.08 1.65 -11.53
C ASN A 323 -10.41 0.57 -12.38
N VAL A 324 -11.22 -0.28 -13.02
CA VAL A 324 -10.65 -1.36 -13.82
C VAL A 324 -9.77 -0.82 -14.94
N GLU A 325 -10.24 0.25 -15.60
CA GLU A 325 -9.49 0.81 -16.71
C GLU A 325 -8.16 1.41 -16.26
N SER A 326 -8.16 2.16 -15.16
CA SER A 326 -6.90 2.75 -14.71
C SER A 326 -5.98 1.70 -14.11
N MET A 327 -6.53 0.68 -13.46
CA MET A 327 -5.72 -0.43 -12.99
C MET A 327 -5.06 -1.15 -14.16
N THR A 328 -5.79 -1.32 -15.26
CA THR A 328 -5.21 -1.93 -16.46
C THR A 328 -4.00 -1.13 -16.95
N ALA A 329 -4.15 0.19 -17.02
CA ALA A 329 -3.04 1.03 -17.45
C ALA A 329 -1.85 0.91 -16.52
N LYS A 330 -2.10 0.81 -15.21
CA LYS A 330 -1.01 0.67 -14.25
C LYS A 330 -0.27 -0.64 -14.44
N VAL A 331 -0.99 -1.74 -14.64
CA VAL A 331 -0.31 -3.03 -14.77
C VAL A 331 0.40 -3.12 -16.12
N GLU A 332 -0.17 -2.52 -17.16
CA GLU A 332 0.52 -2.46 -18.45
C GLU A 332 1.83 -1.68 -18.32
N TYR A 333 1.82 -0.59 -17.56
CA TYR A 333 3.05 0.15 -17.30
C TYR A 333 4.08 -0.74 -16.60
N ALA A 334 3.65 -1.46 -15.55
CA ALA A 334 4.57 -2.35 -14.84
C ALA A 334 5.12 -3.42 -15.77
N ASN A 335 4.28 -4.01 -16.62
CA ASN A 335 4.75 -4.99 -17.59
C ASN A 335 5.79 -4.38 -18.51
N SER A 336 5.58 -3.13 -18.95
CA SER A 336 6.48 -2.52 -19.92
C SER A 336 7.87 -2.31 -19.35
N PHE A 337 7.99 -2.17 -18.03
CA PHE A 337 9.30 -2.02 -17.40
C PHE A 337 9.77 -3.30 -16.72
N ASN A 338 9.12 -4.44 -17.00
CA ASN A 338 9.55 -5.73 -16.48
C ASN A 338 9.63 -5.73 -14.96
N LEU A 339 8.70 -5.03 -14.31
CA LEU A 339 8.72 -5.00 -12.86
C LEU A 339 8.31 -6.38 -12.31
N ARG A 340 8.74 -6.64 -11.07
CA ARG A 340 8.51 -7.95 -10.46
C ARG A 340 7.04 -8.24 -10.24
N GLY A 341 6.22 -7.22 -10.06
CA GLY A 341 4.80 -7.47 -9.91
C GLY A 341 4.08 -6.26 -9.37
N ILE A 342 2.94 -6.53 -8.77
CA ILE A 342 2.00 -5.51 -8.29
C ILE A 342 1.73 -5.75 -6.82
N MET A 343 1.78 -4.68 -6.04
N MET A 343 1.76 -4.68 -6.04
CA MET A 343 1.41 -4.68 -4.64
CA MET A 343 1.39 -4.72 -4.63
C MET A 343 0.13 -3.86 -4.51
C MET A 343 0.17 -3.83 -4.46
N LEU A 344 -0.78 -4.25 -3.63
CA LEU A 344 -2.02 -3.51 -3.46
C LEU A 344 -2.31 -3.21 -2.01
N TRP A 345 -2.69 -1.96 -1.75
CA TRP A 345 -3.32 -1.57 -0.49
C TRP A 345 -4.74 -1.16 -0.83
N SER A 346 -5.74 -1.95 -0.41
CA SER A 346 -5.63 -3.22 0.30
C SER A 346 -6.86 -4.02 -0.11
N ILE A 347 -6.81 -5.34 0.13
CA ILE A 347 -7.77 -6.25 -0.49
C ILE A 347 -9.20 -5.99 -0.02
N GLU A 348 -9.36 -5.51 1.22
CA GLU A 348 -10.68 -5.41 1.82
C GLU A 348 -11.54 -4.30 1.23
N THR A 349 -11.00 -3.46 0.33
CA THR A 349 -11.82 -2.45 -0.34
C THR A 349 -11.92 -2.65 -1.85
N ASP A 350 -11.47 -3.79 -2.38
CA ASP A 350 -11.96 -4.18 -3.69
C ASP A 350 -13.48 -4.37 -3.57
N ASP A 351 -14.14 -4.44 -4.72
CA ASP A 351 -15.57 -4.78 -4.72
C ASP A 351 -15.68 -6.30 -4.52
N PHE A 352 -15.40 -6.72 -3.29
CA PHE A 352 -15.27 -8.15 -3.00
C PHE A 352 -16.61 -8.89 -3.11
N HIS A 353 -17.73 -8.19 -2.92
CA HIS A 353 -19.05 -8.79 -3.08
C HIS A 353 -19.58 -8.65 -4.50
N GLY A 354 -18.87 -7.98 -5.40
CA GLY A 354 -19.33 -7.83 -6.77
C GLY A 354 -20.58 -7.01 -6.91
N LEU A 355 -20.81 -6.06 -6.02
CA LEU A 355 -22.02 -5.26 -6.05
C LEU A 355 -22.06 -4.26 -7.20
N CYS A 356 -20.92 -3.98 -7.82
CA CYS A 356 -20.83 -2.96 -8.85
C CYS A 356 -20.88 -3.51 -10.27
N GLY A 357 -21.16 -4.80 -10.44
CA GLY A 357 -21.52 -5.34 -11.74
C GLY A 357 -20.39 -5.85 -12.59
N GLU A 358 -19.16 -5.84 -12.11
CA GLU A 358 -18.01 -6.32 -12.88
C GLU A 358 -17.41 -7.58 -12.29
N GLY A 359 -18.23 -8.37 -11.57
CA GLY A 359 -17.76 -9.56 -10.90
C GLY A 359 -17.17 -9.24 -9.54
N THR A 360 -16.95 -10.28 -8.75
CA THR A 360 -16.28 -10.09 -7.48
C THR A 360 -14.80 -9.78 -7.71
N PHE A 361 -14.23 -9.01 -6.79
CA PHE A 361 -12.82 -8.63 -6.86
C PHE A 361 -12.42 -8.11 -8.24
N PRO A 362 -13.11 -7.10 -8.77
CA PRO A 362 -12.76 -6.64 -10.13
C PRO A 362 -11.38 -6.06 -10.24
N LEU A 363 -10.93 -5.29 -9.24
CA LEU A 363 -9.60 -4.72 -9.32
C LEU A 363 -8.53 -5.80 -9.23
N LEU A 364 -8.70 -6.75 -8.31
CA LEU A 364 -7.71 -7.80 -8.13
C LEU A 364 -7.69 -8.76 -9.30
N ASN A 365 -8.87 -9.11 -9.84
CA ASN A 365 -8.90 -9.93 -11.05
C ASN A 365 -8.24 -9.23 -12.22
N THR A 366 -8.43 -7.91 -12.33
CA THR A 366 -7.77 -7.15 -13.39
C THR A 366 -6.26 -7.27 -13.28
N ILE A 367 -5.72 -7.11 -12.07
CA ILE A 367 -4.28 -7.23 -11.87
C ILE A 367 -3.79 -8.59 -12.33
N ASN A 368 -4.47 -9.66 -11.90
CA ASN A 368 -4.04 -11.00 -12.25
C ASN A 368 -4.12 -11.25 -13.75
N THR A 369 -5.19 -10.76 -14.38
CA THR A 369 -5.40 -10.96 -15.81
C THR A 369 -4.32 -10.24 -16.63
N VAL A 370 -4.06 -8.98 -16.30
CA VAL A 370 -3.10 -8.22 -17.10
C VAL A 370 -1.67 -8.72 -16.89
N LEU A 371 -1.33 -9.17 -15.68
CA LEU A 371 -0.02 -9.78 -15.47
C LEU A 371 0.12 -11.08 -16.25
N ALA A 372 -0.93 -11.91 -16.25
CA ALA A 372 -0.86 -13.18 -16.97
C ALA A 372 -0.76 -12.95 -18.47
N GLU A 373 -1.51 -11.98 -19.00
CA GLU A 373 -1.52 -11.75 -20.44
C GLU A 373 -0.26 -11.08 -20.94
N GLY A 374 0.46 -10.36 -20.08
CA GLY A 374 1.69 -9.70 -20.46
C GLY A 374 1.52 -8.44 -21.27
N SER A 375 0.31 -7.88 -21.35
CA SER A 375 0.08 -6.69 -22.16
C SER A 375 0.95 -5.54 -21.69
N THR A 376 1.61 -4.87 -22.64
CA THR A 376 2.47 -3.74 -22.29
C THR A 376 1.90 -2.44 -22.85
#